data_4WXJ
#
_entry.id   4WXJ
#
_cell.length_a   52.314
_cell.length_b   94.527
_cell.length_c   119.538
_cell.angle_alpha   90.00
_cell.angle_beta   90.00
_cell.angle_gamma   90.00
#
_symmetry.space_group_name_H-M   'P 21 21 21'
#
loop_
_entity.id
_entity.type
_entity.pdbx_description
1 polymer 'Glutamate receptor IIB,Glutamate receptor IIB'
2 non-polymer 'GLUTAMIC ACID'
3 water water
#
_entity_poly.entity_id   1
_entity_poly.type   'polypeptide(L)'
_entity_poly.pdbx_seq_one_letter_code
;GSDFSQKPIRYTVATRVGKPYFSWREEPEGVHYEGNERFEGYAVDLIYMLAQECKFDFNFEPVRDNKYGSYDANTDEWDG
IIRQLIDNNAQIGICDLTITQARRSVVDFTVPFMQLGISILSYKGTDIGSLHDLVDQNKVQFGTIRGGATSVYFSESNDT
DNRMAWNKMLSFKPDAFTKNNEEGVDRVKLSKGTYAFLMETTNLQYYVQRNCELTQIGESFGEKHYGIAVPLNADFRSNL
SVGILRLSERGELFKLRNKWFNSNESTCD
;
_entity_poly.pdbx_strand_id   A,B
#
# COMPACT_ATOMS: atom_id res chain seq x y z
N ILE A 9 14.70 6.72 -25.70
CA ILE A 9 15.10 5.98 -24.50
C ILE A 9 14.44 4.61 -24.46
N ARG A 10 15.26 3.58 -24.32
CA ARG A 10 14.78 2.21 -24.21
C ARG A 10 15.20 1.58 -22.88
N TYR A 11 14.25 0.88 -22.25
CA TYR A 11 14.52 0.21 -20.97
C TYR A 11 14.40 -1.30 -21.12
N THR A 12 15.43 -2.01 -20.65
CA THR A 12 15.35 -3.46 -20.55
C THR A 12 14.52 -3.81 -19.32
N VAL A 13 13.41 -4.51 -19.55
CA VAL A 13 12.48 -4.85 -18.48
C VAL A 13 12.68 -6.30 -18.03
N ALA A 14 13.26 -6.47 -16.84
CA ALA A 14 13.44 -7.79 -16.26
C ALA A 14 12.15 -8.25 -15.60
N THR A 15 11.75 -9.49 -15.88
CA THR A 15 10.55 -10.05 -15.28
C THR A 15 10.73 -11.56 -15.09
N ARG A 16 9.66 -12.22 -14.69
CA ARG A 16 9.66 -13.67 -14.55
C ARG A 16 8.34 -14.23 -15.05
N VAL A 17 8.36 -15.48 -15.49
CA VAL A 17 7.17 -16.12 -16.01
C VAL A 17 6.28 -16.59 -14.86
N GLY A 18 5.06 -16.07 -14.82
CA GLY A 18 4.12 -16.42 -13.78
C GLY A 18 2.82 -15.66 -13.96
N LYS A 19 1.74 -16.40 -14.19
CA LYS A 19 0.44 -15.79 -14.45
C LYS A 19 -0.15 -15.22 -13.16
N PRO A 20 -0.99 -14.19 -13.28
CA PRO A 20 -1.43 -13.52 -14.51
C PRO A 20 -0.59 -12.30 -14.88
N TYR A 21 0.61 -12.20 -14.32
CA TYR A 21 1.43 -11.01 -14.50
C TYR A 21 2.22 -11.02 -15.80
N PHE A 22 2.81 -12.16 -16.12
CA PHE A 22 3.68 -12.27 -17.28
C PHE A 22 3.79 -13.72 -17.72
N SER A 23 3.44 -13.99 -18.97
CA SER A 23 3.50 -15.35 -19.51
C SER A 23 3.59 -15.36 -21.02
N TRP A 24 3.95 -16.52 -21.57
CA TRP A 24 4.08 -16.67 -23.01
C TRP A 24 2.72 -16.80 -23.67
N ARG A 25 2.47 -15.94 -24.65
CA ARG A 25 1.22 -15.99 -25.41
C ARG A 25 1.15 -17.28 -26.21
N GLU A 26 -0.04 -17.87 -26.24
CA GLU A 26 -0.33 -18.98 -27.13
C GLU A 26 -0.23 -18.52 -28.57
N GLU A 27 0.56 -19.23 -29.37
CA GLU A 27 0.73 -18.90 -30.78
C GLU A 27 0.04 -19.95 -31.66
N PRO A 28 -0.78 -19.50 -32.64
CA PRO A 28 -1.46 -20.46 -33.52
C PRO A 28 -0.51 -21.40 -34.26
N TYR A 33 5.30 -15.37 -32.23
CA TYR A 33 5.41 -13.91 -32.09
C TYR A 33 6.86 -13.48 -31.92
N GLU A 34 7.08 -12.17 -31.95
CA GLU A 34 8.42 -11.61 -31.86
C GLU A 34 8.47 -10.43 -30.89
N GLY A 35 9.57 -10.33 -30.15
CA GLY A 35 9.77 -9.23 -29.22
C GLY A 35 8.75 -9.22 -28.10
N ASN A 36 8.33 -8.03 -27.70
CA ASN A 36 7.39 -7.87 -26.60
C ASN A 36 6.03 -8.51 -26.89
N GLU A 37 5.77 -8.74 -28.17
CA GLU A 37 4.49 -9.30 -28.60
C GLU A 37 4.36 -10.78 -28.22
N ARG A 38 5.46 -11.39 -27.78
CA ARG A 38 5.44 -12.78 -27.34
C ARG A 38 4.71 -12.98 -26.01
N PHE A 39 4.50 -11.90 -25.28
CA PHE A 39 4.07 -11.98 -23.88
C PHE A 39 2.75 -11.29 -23.61
N GLU A 40 2.13 -11.66 -22.49
CA GLU A 40 0.88 -11.07 -22.03
C GLU A 40 0.79 -11.15 -20.52
N GLY A 41 -0.13 -10.36 -19.95
CA GLY A 41 -0.36 -10.37 -18.51
C GLY A 41 -0.48 -8.97 -17.94
N TYR A 42 -0.83 -8.94 -16.65
CA TYR A 42 -1.00 -7.67 -15.93
C TYR A 42 0.23 -6.77 -16.07
N ALA A 43 1.41 -7.34 -15.87
CA ALA A 43 2.64 -6.57 -15.91
C ALA A 43 2.95 -6.08 -17.32
N VAL A 44 2.54 -6.87 -18.31
CA VAL A 44 2.75 -6.47 -19.70
C VAL A 44 1.89 -5.24 -20.02
N ASP A 45 0.61 -5.31 -19.68
CA ASP A 45 -0.29 -4.17 -19.88
C ASP A 45 0.20 -2.92 -19.15
N LEU A 46 0.69 -3.09 -17.93
CA LEU A 46 1.07 -1.94 -17.11
C LEU A 46 2.30 -1.24 -17.67
N ILE A 47 3.23 -2.01 -18.23
CA ILE A 47 4.43 -1.43 -18.84
C ILE A 47 4.06 -0.69 -20.12
N TYR A 48 3.15 -1.28 -20.90
CA TYR A 48 2.63 -0.62 -22.10
C TYR A 48 1.96 0.70 -21.74
N MET A 49 1.12 0.67 -20.70
CA MET A 49 0.42 1.87 -20.25
C MET A 49 1.40 2.92 -19.75
N LEU A 50 2.43 2.48 -19.02
CA LEU A 50 3.44 3.39 -18.50
C LEU A 50 4.34 3.90 -19.62
N ALA A 51 4.61 3.05 -20.61
CA ALA A 51 5.45 3.42 -21.73
C ALA A 51 4.78 4.55 -22.52
N GLN A 52 3.46 4.48 -22.63
CA GLN A 52 2.70 5.51 -23.33
C GLN A 52 2.55 6.75 -22.46
N GLU A 53 2.46 6.54 -21.15
CA GLU A 53 2.27 7.63 -20.21
C GLU A 53 3.57 8.38 -19.95
N CYS A 54 4.66 7.63 -19.80
CA CYS A 54 5.96 8.21 -19.46
C CYS A 54 6.85 8.39 -20.69
N LYS A 55 6.40 7.90 -21.82
CA LYS A 55 7.12 8.02 -23.09
C LYS A 55 8.51 7.39 -23.03
N PHE A 56 8.54 6.08 -23.23
CA PHE A 56 9.79 5.34 -23.35
C PHE A 56 9.55 4.05 -24.13
N ASP A 57 10.59 3.55 -24.79
CA ASP A 57 10.54 2.23 -25.40
C ASP A 57 11.04 1.22 -24.38
N PHE A 58 10.77 -0.06 -24.62
CA PHE A 58 11.16 -1.10 -23.67
C PHE A 58 11.28 -2.46 -24.33
N ASN A 59 12.07 -3.32 -23.70
CA ASN A 59 12.25 -4.69 -24.14
C ASN A 59 12.14 -5.65 -22.95
N PHE A 60 11.18 -6.57 -23.02
CA PHE A 60 11.02 -7.57 -21.98
C PHE A 60 12.09 -8.63 -22.06
N GLU A 61 12.78 -8.85 -20.93
CA GLU A 61 13.76 -9.92 -20.82
C GLU A 61 13.50 -10.74 -19.56
N PRO A 62 12.68 -11.80 -19.67
CA PRO A 62 12.46 -12.65 -18.49
C PRO A 62 13.76 -13.28 -17.99
N VAL A 63 14.01 -13.17 -16.70
CA VAL A 63 15.27 -13.62 -16.12
C VAL A 63 15.47 -15.14 -16.27
N ARG A 64 16.73 -15.54 -16.44
CA ARG A 64 17.07 -16.92 -16.75
C ARG A 64 16.61 -17.90 -15.67
N ASP A 65 16.90 -17.59 -14.41
CA ASP A 65 16.55 -18.48 -13.30
C ASP A 65 15.07 -18.39 -12.93
N ASN A 66 14.36 -17.42 -13.52
CA ASN A 66 12.95 -17.17 -13.26
C ASN A 66 12.62 -16.97 -11.78
N LYS A 67 13.56 -16.38 -11.04
CA LYS A 67 13.36 -16.11 -9.61
C LYS A 67 12.96 -14.66 -9.36
N TYR A 68 12.28 -14.43 -8.25
CA TYR A 68 11.93 -13.07 -7.83
C TYR A 68 13.19 -12.30 -7.47
N GLY A 69 13.93 -12.82 -6.49
CA GLY A 69 15.13 -12.18 -6.00
C GLY A 69 15.27 -12.30 -4.50
N SER A 70 16.29 -13.04 -4.05
CA SER A 70 16.57 -13.21 -2.63
C SER A 70 18.07 -13.21 -2.40
N TYR A 71 18.47 -12.92 -1.17
CA TYR A 71 19.88 -12.89 -0.79
C TYR A 71 20.32 -14.23 -0.23
N ASP A 72 21.36 -14.80 -0.83
CA ASP A 72 21.92 -16.06 -0.35
C ASP A 72 23.16 -15.77 0.49
N ALA A 73 22.98 -15.72 1.80
CA ALA A 73 24.06 -15.38 2.73
C ALA A 73 25.21 -16.37 2.63
N ASN A 74 24.94 -17.57 2.11
CA ASN A 74 25.96 -18.58 1.93
C ASN A 74 26.99 -18.18 0.86
N THR A 75 26.54 -17.37 -0.10
CA THR A 75 27.39 -16.93 -1.20
C THR A 75 27.52 -15.41 -1.29
N ASP A 76 26.75 -14.70 -0.48
CA ASP A 76 26.73 -13.24 -0.50
C ASP A 76 26.35 -12.71 -1.88
N GLU A 77 25.29 -13.27 -2.46
CA GLU A 77 24.84 -12.89 -3.79
C GLU A 77 23.32 -12.91 -3.91
N TRP A 78 22.80 -12.05 -4.78
CA TRP A 78 21.38 -12.02 -5.10
C TRP A 78 21.10 -12.81 -6.38
N ASP A 79 19.83 -13.14 -6.60
CA ASP A 79 19.41 -13.80 -7.83
C ASP A 79 18.16 -13.13 -8.40
N GLY A 80 17.59 -13.74 -9.43
CA GLY A 80 16.32 -13.28 -9.98
C GLY A 80 16.34 -11.87 -10.54
N ILE A 81 15.18 -11.22 -10.50
CA ILE A 81 15.02 -9.88 -11.05
C ILE A 81 15.91 -8.88 -10.33
N ILE A 82 16.01 -9.01 -9.01
CA ILE A 82 16.82 -8.08 -8.22
C ILE A 82 18.28 -8.10 -8.68
N ARG A 83 18.80 -9.29 -8.99
CA ARG A 83 20.19 -9.42 -9.43
C ARG A 83 20.44 -8.67 -10.73
N GLN A 84 19.52 -8.79 -11.69
CA GLN A 84 19.66 -8.13 -12.98
C GLN A 84 19.70 -6.61 -12.85
N LEU A 85 19.02 -6.09 -11.83
CA LEU A 85 18.99 -4.66 -11.57
C LEU A 85 20.29 -4.20 -10.92
N ILE A 86 20.79 -5.00 -9.99
CA ILE A 86 22.05 -4.70 -9.30
C ILE A 86 23.20 -4.66 -10.31
N ASP A 87 23.21 -5.61 -11.24
CA ASP A 87 24.24 -5.67 -12.27
C ASP A 87 23.93 -4.77 -13.46
N ASN A 88 22.87 -3.97 -13.34
CA ASN A 88 22.48 -3.01 -14.37
C ASN A 88 22.25 -3.65 -15.74
N ASN A 89 21.99 -4.95 -15.77
CA ASN A 89 21.60 -5.64 -17.00
C ASN A 89 20.17 -5.28 -17.39
N ALA A 90 19.43 -4.72 -16.44
CA ALA A 90 18.07 -4.26 -16.67
C ALA A 90 17.86 -2.94 -15.94
N GLN A 91 16.98 -2.10 -16.48
CA GLN A 91 16.70 -0.79 -15.89
C GLN A 91 15.38 -0.82 -15.11
N ILE A 92 14.54 -1.79 -15.43
CA ILE A 92 13.23 -1.92 -14.80
C ILE A 92 12.94 -3.38 -14.48
N GLY A 93 12.48 -3.63 -13.25
CA GLY A 93 12.10 -4.96 -12.81
C GLY A 93 10.65 -4.98 -12.35
N ILE A 94 9.86 -5.91 -12.87
CA ILE A 94 8.43 -5.93 -12.56
C ILE A 94 7.80 -7.33 -12.60
N CYS A 95 6.86 -7.52 -11.68
CA CYS A 95 5.96 -8.68 -11.61
C CYS A 95 5.19 -8.48 -10.30
N ASP A 96 4.74 -9.57 -9.69
CA ASP A 96 4.28 -9.49 -8.30
C ASP A 96 5.52 -9.37 -7.40
N LEU A 97 6.19 -8.23 -7.52
CA LEU A 97 7.45 -8.00 -6.84
C LEU A 97 7.21 -7.22 -5.56
N THR A 98 7.24 -7.92 -4.44
CA THR A 98 6.92 -7.34 -3.15
C THR A 98 8.10 -6.54 -2.60
N ILE A 99 7.79 -5.37 -2.04
CA ILE A 99 8.81 -4.53 -1.43
C ILE A 99 9.21 -5.08 -0.07
N THR A 100 10.50 -5.42 0.06
CA THR A 100 11.05 -5.91 1.31
C THR A 100 12.25 -5.07 1.71
N GLN A 101 12.58 -5.12 3.00
CA GLN A 101 13.68 -4.34 3.55
C GLN A 101 15.01 -4.71 2.89
N ALA A 102 15.24 -6.01 2.72
CA ALA A 102 16.47 -6.49 2.12
C ALA A 102 16.61 -6.04 0.66
N ARG A 103 15.51 -6.10 -0.08
CA ARG A 103 15.51 -5.69 -1.48
C ARG A 103 15.73 -4.19 -1.62
N ARG A 104 15.04 -3.42 -0.78
CA ARG A 104 15.13 -1.97 -0.83
C ARG A 104 16.54 -1.48 -0.50
N SER A 105 17.32 -2.35 0.15
CA SER A 105 18.69 -2.00 0.52
C SER A 105 19.64 -2.02 -0.67
N VAL A 106 19.28 -2.77 -1.71
CA VAL A 106 20.17 -2.96 -2.86
C VAL A 106 19.61 -2.37 -4.16
N VAL A 107 18.29 -2.20 -4.23
CA VAL A 107 17.67 -1.55 -5.38
C VAL A 107 16.60 -0.58 -4.91
N ASP A 108 16.21 0.34 -5.79
CA ASP A 108 15.15 1.29 -5.48
C ASP A 108 13.80 0.75 -5.92
N PHE A 109 12.73 1.39 -5.46
CA PHE A 109 11.38 1.04 -5.86
C PHE A 109 10.58 2.28 -6.20
N THR A 110 9.64 2.12 -7.14
CA THR A 110 8.67 3.16 -7.41
C THR A 110 7.64 3.17 -6.29
N VAL A 111 6.71 4.11 -6.34
CA VAL A 111 5.52 4.02 -5.51
C VAL A 111 4.83 2.71 -5.86
N PRO A 112 4.13 2.10 -4.89
CA PRO A 112 3.50 0.83 -5.23
C PRO A 112 2.37 0.97 -6.25
N PHE A 113 2.15 -0.07 -7.06
CA PHE A 113 1.03 -0.10 -7.99
C PHE A 113 -0.06 -1.06 -7.52
N MET A 114 0.20 -1.75 -6.42
CA MET A 114 -0.78 -2.67 -5.85
C MET A 114 -0.52 -2.93 -4.38
N GLN A 115 -1.58 -2.92 -3.58
CA GLN A 115 -1.49 -3.26 -2.17
C GLN A 115 -2.17 -4.60 -1.96
N LEU A 116 -1.68 -5.36 -0.98
CA LEU A 116 -2.12 -6.73 -0.78
C LEU A 116 -1.83 -7.18 0.66
N GLY A 117 -2.15 -8.44 0.93
CA GLY A 117 -1.85 -9.06 2.20
C GLY A 117 -1.43 -10.50 2.00
N ILE A 118 -1.37 -11.24 3.11
CA ILE A 118 -1.02 -12.65 3.10
C ILE A 118 -2.18 -13.45 3.66
N SER A 119 -2.37 -14.66 3.14
CA SER A 119 -3.39 -15.55 3.67
C SER A 119 -3.04 -17.01 3.39
N ILE A 120 -3.98 -17.90 3.69
CA ILE A 120 -3.72 -19.34 3.64
C ILE A 120 -4.55 -20.00 2.54
N LEU A 121 -3.87 -20.62 1.58
CA LEU A 121 -4.54 -21.43 0.56
C LEU A 121 -4.61 -22.87 1.04
N SER A 122 -5.82 -23.42 1.04
CA SER A 122 -6.04 -24.77 1.56
C SER A 122 -6.97 -25.59 0.68
N TYR A 123 -6.89 -26.90 0.84
CA TYR A 123 -7.84 -27.81 0.22
C TYR A 123 -9.14 -27.75 1.00
N LYS A 124 -10.27 -27.78 0.31
CA LYS A 124 -11.57 -27.73 0.98
C LYS A 124 -11.77 -28.93 1.88
N GLY A 125 -12.54 -28.75 2.94
CA GLY A 125 -12.82 -29.80 3.90
C GLY A 125 -11.88 -29.75 5.10
N THR A 126 -11.20 -28.63 5.25
CA THR A 126 -10.22 -28.44 6.32
C THR A 126 -10.90 -27.88 7.57
N ASP A 127 -10.46 -28.37 8.73
CA ASP A 127 -11.07 -27.97 10.00
C ASP A 127 -10.45 -26.68 10.53
N ILE A 128 -9.22 -26.41 10.10
CA ILE A 128 -8.48 -25.22 10.48
C ILE A 128 -9.18 -23.95 9.96
N GLY A 129 -9.31 -22.95 10.82
CA GLY A 129 -10.01 -21.72 10.48
C GLY A 129 -9.22 -20.44 10.70
N SER A 130 -7.95 -20.57 11.06
CA SER A 130 -7.09 -19.40 11.28
C SER A 130 -5.62 -19.78 11.28
N LEU A 131 -4.76 -18.76 11.19
CA LEU A 131 -3.32 -18.97 11.24
C LEU A 131 -2.90 -19.54 12.59
N HIS A 132 -3.49 -19.03 13.67
CA HIS A 132 -3.19 -19.53 15.01
C HIS A 132 -3.51 -21.01 15.11
N ASP A 133 -4.64 -21.41 14.53
CA ASP A 133 -5.03 -22.82 14.53
C ASP A 133 -4.06 -23.65 13.69
N LEU A 134 -3.64 -23.11 12.56
CA LEU A 134 -2.73 -23.80 11.65
C LEU A 134 -1.39 -24.08 12.31
N VAL A 135 -0.85 -23.10 13.02
CA VAL A 135 0.47 -23.25 13.65
C VAL A 135 0.40 -24.11 14.91
N ASP A 136 -0.78 -24.18 15.52
CA ASP A 136 -0.93 -24.87 16.80
C ASP A 136 -1.17 -26.38 16.61
N GLN A 137 -1.12 -26.84 15.37
CA GLN A 137 -1.22 -28.27 15.06
C GLN A 137 -0.12 -28.66 14.09
N ASN A 138 -0.05 -29.94 13.75
CA ASN A 138 1.00 -30.44 12.85
C ASN A 138 0.54 -31.59 11.98
N LYS A 139 -0.76 -31.86 11.97
CA LYS A 139 -1.34 -32.84 11.05
C LYS A 139 -1.30 -32.29 9.63
N VAL A 140 -1.63 -31.00 9.51
CA VAL A 140 -1.54 -30.30 8.23
C VAL A 140 -0.26 -29.47 8.18
N GLN A 141 0.67 -29.85 7.32
CA GLN A 141 1.90 -29.10 7.14
C GLN A 141 1.62 -27.86 6.30
N PHE A 142 2.56 -26.92 6.29
CA PHE A 142 2.39 -25.69 5.53
C PHE A 142 3.73 -25.03 5.21
N GLY A 143 3.74 -24.21 4.17
CA GLY A 143 4.96 -23.54 3.76
C GLY A 143 4.74 -22.38 2.80
N THR A 144 5.85 -21.81 2.32
CA THR A 144 5.83 -20.65 1.44
C THR A 144 6.80 -20.84 0.29
N ILE A 145 6.86 -19.83 -0.59
CA ILE A 145 7.88 -19.81 -1.63
C ILE A 145 9.24 -19.58 -0.99
N ARG A 146 10.23 -20.40 -1.38
N ARG A 146 10.22 -20.39 -1.40
CA ARG A 146 11.56 -20.30 -0.80
CA ARG A 146 11.56 -20.31 -0.86
C ARG A 146 12.21 -18.97 -1.16
C ARG A 146 12.22 -18.97 -1.17
N GLY A 147 12.59 -18.23 -0.13
CA GLY A 147 13.24 -16.94 -0.31
C GLY A 147 12.30 -15.85 -0.80
N GLY A 148 11.01 -16.12 -0.80
CA GLY A 148 10.02 -15.14 -1.24
C GLY A 148 9.70 -14.14 -0.15
N ALA A 149 8.84 -13.18 -0.46
CA ALA A 149 8.51 -12.11 0.48
C ALA A 149 7.62 -12.62 1.62
N THR A 150 6.83 -13.66 1.37
CA THR A 150 5.97 -14.21 2.41
C THR A 150 6.83 -14.90 3.47
N SER A 151 7.94 -15.50 3.05
CA SER A 151 8.91 -16.06 3.98
C SER A 151 9.46 -14.95 4.88
N VAL A 152 9.67 -13.77 4.30
CA VAL A 152 10.19 -12.63 5.05
C VAL A 152 9.23 -12.21 6.15
N TYR A 153 7.93 -12.31 5.87
CA TYR A 153 6.91 -11.89 6.83
C TYR A 153 7.05 -12.68 8.13
N PHE A 154 7.34 -13.97 8.01
CA PHE A 154 7.46 -14.85 9.16
C PHE A 154 8.87 -14.85 9.76
N SER A 155 9.88 -14.90 8.90
CA SER A 155 11.26 -15.02 9.37
C SER A 155 11.74 -13.77 10.09
N GLU A 156 11.16 -12.61 9.77
CA GLU A 156 11.58 -11.33 10.35
C GLU A 156 10.72 -10.88 11.52
N SER A 157 9.57 -11.54 11.72
CA SER A 157 8.63 -11.12 12.75
C SER A 157 9.11 -11.44 14.16
N ASN A 158 8.75 -10.57 15.11
CA ASN A 158 9.00 -10.82 16.52
C ASN A 158 7.75 -11.38 17.19
N ASP A 159 6.63 -11.35 16.46
CA ASP A 159 5.37 -11.90 16.95
C ASP A 159 5.49 -13.38 17.25
N THR A 160 5.09 -13.78 18.46
CA THR A 160 5.25 -15.15 18.91
C THR A 160 4.59 -16.17 17.99
N ASP A 161 3.36 -15.89 17.56
CA ASP A 161 2.64 -16.80 16.67
C ASP A 161 3.33 -16.93 15.32
N ASN A 162 3.89 -15.84 14.82
CA ASN A 162 4.62 -15.88 13.56
C ASN A 162 5.96 -16.60 13.71
N ARG A 163 6.60 -16.43 14.86
CA ARG A 163 7.81 -17.18 15.18
C ARG A 163 7.54 -18.68 15.17
N MET A 164 6.42 -19.07 15.77
CA MET A 164 6.05 -20.49 15.83
C MET A 164 5.78 -21.04 14.43
N ALA A 165 5.10 -20.26 13.60
CA ALA A 165 4.87 -20.63 12.21
C ALA A 165 6.20 -20.88 11.51
N TRP A 166 7.14 -19.95 11.67
CA TRP A 166 8.42 -20.00 11.00
C TRP A 166 9.21 -21.23 11.43
N ASN A 167 9.25 -21.48 12.73
CA ASN A 167 9.99 -22.62 13.25
C ASN A 167 9.37 -23.96 12.83
N LYS A 168 8.04 -24.00 12.71
CA LYS A 168 7.38 -25.20 12.23
C LYS A 168 7.68 -25.45 10.76
N MET A 169 7.62 -24.39 9.95
CA MET A 169 7.93 -24.50 8.53
C MET A 169 9.33 -25.05 8.31
N LEU A 170 10.28 -24.59 9.13
CA LEU A 170 11.67 -25.04 9.02
C LEU A 170 11.83 -26.51 9.43
N SER A 171 10.94 -26.99 10.30
CA SER A 171 11.07 -28.32 10.88
C SER A 171 10.42 -29.41 10.05
N PHE A 172 9.40 -29.05 9.27
CA PHE A 172 8.61 -30.02 8.54
C PHE A 172 9.45 -30.90 7.61
N LYS A 173 9.08 -32.17 7.55
CA LYS A 173 9.64 -33.12 6.59
C LYS A 173 8.50 -33.69 5.75
N PRO A 174 8.61 -33.63 4.41
CA PRO A 174 9.72 -33.11 3.60
C PRO A 174 9.76 -31.58 3.58
N ASP A 175 10.64 -31.02 2.75
CA ASP A 175 10.79 -29.58 2.63
C ASP A 175 9.44 -28.90 2.43
N ALA A 176 9.12 -27.94 3.30
CA ALA A 176 7.82 -27.28 3.27
C ALA A 176 7.78 -26.17 2.22
N PHE A 177 8.95 -25.74 1.76
CA PHE A 177 9.03 -24.62 0.83
C PHE A 177 8.95 -25.05 -0.63
N THR A 178 8.56 -24.11 -1.50
CA THR A 178 8.38 -24.37 -2.92
C THR A 178 9.12 -23.31 -3.75
N LYS A 179 9.23 -23.56 -5.05
CA LYS A 179 10.00 -22.66 -5.92
C LYS A 179 9.15 -21.50 -6.43
N ASN A 180 7.84 -21.67 -6.47
CA ASN A 180 6.94 -20.62 -6.96
C ASN A 180 5.48 -20.87 -6.57
N ASN A 181 4.61 -19.94 -6.96
CA ASN A 181 3.18 -20.06 -6.66
C ASN A 181 2.57 -21.32 -7.29
N GLU A 182 2.99 -21.62 -8.51
CA GLU A 182 2.46 -22.77 -9.25
C GLU A 182 2.67 -24.07 -8.49
N GLU A 183 3.91 -24.29 -8.04
CA GLU A 183 4.24 -25.50 -7.29
C GLU A 183 3.48 -25.53 -5.97
N GLY A 184 3.33 -24.37 -5.35
CA GLY A 184 2.58 -24.28 -4.10
C GLY A 184 1.15 -24.72 -4.26
N VAL A 185 0.47 -24.15 -5.26
CA VAL A 185 -0.91 -24.51 -5.55
C VAL A 185 -1.03 -25.98 -5.95
N ASP A 186 -0.11 -26.44 -6.79
CA ASP A 186 -0.09 -27.84 -7.21
C ASP A 186 0.05 -28.76 -6.01
N ARG A 187 0.83 -28.34 -5.02
CA ARG A 187 1.09 -29.17 -3.85
C ARG A 187 -0.14 -29.26 -2.95
N VAL A 188 -0.89 -28.17 -2.84
CA VAL A 188 -2.12 -28.18 -2.04
C VAL A 188 -3.15 -29.10 -2.68
N LYS A 189 -3.26 -29.03 -4.00
CA LYS A 189 -4.21 -29.86 -4.74
C LYS A 189 -3.86 -31.35 -4.60
N LEU A 190 -2.58 -31.67 -4.82
CA LEU A 190 -2.13 -33.06 -4.76
C LEU A 190 -2.20 -33.65 -3.36
N SER A 191 -2.13 -32.79 -2.35
CA SER A 191 -2.02 -33.22 -0.96
C SER A 191 -3.37 -33.54 -0.33
N LYS A 192 -4.46 -33.15 -0.99
CA LYS A 192 -5.81 -33.50 -0.56
C LYS A 192 -6.17 -32.98 0.84
N GLY A 193 -5.37 -32.04 1.35
CA GLY A 193 -5.67 -31.39 2.62
C GLY A 193 -4.63 -31.60 3.71
N THR A 194 -3.48 -32.19 3.34
CA THR A 194 -2.39 -32.39 4.30
C THR A 194 -1.33 -31.31 4.13
N TYR A 195 -1.57 -30.36 3.23
CA TYR A 195 -0.65 -29.25 3.01
C TYR A 195 -1.40 -27.97 2.68
N ALA A 196 -1.08 -26.90 3.42
CA ALA A 196 -1.64 -25.58 3.18
C ALA A 196 -0.54 -24.64 2.72
N PHE A 197 -0.88 -23.71 1.85
CA PHE A 197 0.10 -22.82 1.23
C PHE A 197 -0.12 -21.38 1.67
N LEU A 198 0.90 -20.81 2.31
CA LEU A 198 0.86 -19.43 2.73
C LEU A 198 1.35 -18.55 1.58
N MET A 199 0.49 -17.64 1.14
CA MET A 199 0.75 -16.85 -0.06
C MET A 199 0.06 -15.50 -0.01
N GLU A 200 0.38 -14.67 -0.99
CA GLU A 200 -0.17 -13.33 -1.06
C GLU A 200 -1.60 -13.37 -1.60
N THR A 201 -2.46 -12.50 -1.06
CA THR A 201 -3.89 -12.54 -1.32
C THR A 201 -4.23 -12.35 -2.79
N THR A 202 -3.41 -11.56 -3.49
CA THR A 202 -3.58 -11.37 -4.93
C THR A 202 -3.49 -12.70 -5.67
N ASN A 203 -2.38 -13.38 -5.47
CA ASN A 203 -2.15 -14.67 -6.14
C ASN A 203 -3.12 -15.73 -5.66
N LEU A 204 -3.49 -15.66 -4.39
CA LEU A 204 -4.44 -16.60 -3.82
C LEU A 204 -5.79 -16.46 -4.51
N GLN A 205 -6.23 -15.22 -4.68
CA GLN A 205 -7.50 -14.94 -5.35
C GLN A 205 -7.49 -15.50 -6.76
N TYR A 206 -6.39 -15.28 -7.48
CA TYR A 206 -6.26 -15.73 -8.86
C TYR A 206 -6.45 -17.24 -8.98
N TYR A 207 -5.81 -17.99 -8.08
CA TYR A 207 -5.81 -19.45 -8.17
C TYR A 207 -7.06 -20.08 -7.57
N VAL A 208 -7.59 -19.49 -6.50
CA VAL A 208 -8.76 -20.07 -5.84
C VAL A 208 -9.99 -19.96 -6.73
N GLN A 209 -10.01 -18.93 -7.57
CA GLN A 209 -11.12 -18.73 -8.50
C GLN A 209 -11.09 -19.72 -9.67
N ARG A 210 -9.91 -20.29 -9.94
CA ARG A 210 -9.71 -21.19 -11.06
C ARG A 210 -9.56 -22.66 -10.63
N ASN A 211 -9.73 -22.91 -9.35
CA ASN A 211 -9.62 -24.26 -8.79
C ASN A 211 -10.64 -24.46 -7.67
N CYS A 212 -11.75 -25.12 -8.01
CA CYS A 212 -12.91 -25.20 -7.14
C CYS A 212 -12.69 -26.08 -5.91
N GLU A 213 -11.63 -26.87 -5.90
CA GLU A 213 -11.35 -27.75 -4.76
C GLU A 213 -10.55 -27.02 -3.68
N LEU A 214 -10.27 -25.74 -3.90
CA LEU A 214 -9.46 -24.94 -2.99
C LEU A 214 -10.25 -23.80 -2.36
N THR A 215 -9.80 -23.36 -1.19
CA THR A 215 -10.44 -22.25 -0.48
C THR A 215 -9.43 -21.50 0.38
N GLN A 216 -9.82 -20.32 0.84
CA GLN A 216 -8.98 -19.51 1.72
C GLN A 216 -9.35 -19.78 3.17
N ILE A 217 -8.34 -19.94 4.03
CA ILE A 217 -8.55 -20.09 5.46
C ILE A 217 -8.29 -18.77 6.17
N GLY A 218 -9.29 -18.31 6.93
CA GLY A 218 -9.15 -17.13 7.75
C GLY A 218 -9.11 -15.83 6.96
N GLU A 219 -8.74 -14.76 7.65
CA GLU A 219 -8.69 -13.43 7.07
C GLU A 219 -7.31 -13.13 6.48
N SER A 220 -7.23 -12.11 5.65
CA SER A 220 -5.95 -11.60 5.19
C SER A 220 -5.23 -10.93 6.36
N PHE A 221 -3.91 -11.09 6.39
CA PHE A 221 -3.10 -10.41 7.40
C PHE A 221 -1.83 -9.84 6.77
N GLY A 222 -1.28 -8.81 7.40
CA GLY A 222 -0.11 -8.13 6.89
C GLY A 222 -0.46 -7.02 5.92
N GLU A 223 0.49 -6.12 5.70
CA GLU A 223 0.34 -5.04 4.73
C GLU A 223 1.52 -5.04 3.78
N LYS A 224 1.32 -5.56 2.57
CA LYS A 224 2.39 -5.67 1.59
C LYS A 224 2.06 -4.89 0.33
N HIS A 225 3.10 -4.57 -0.45
CA HIS A 225 2.95 -3.75 -1.65
C HIS A 225 3.79 -4.29 -2.80
N TYR A 226 3.23 -4.22 -4.01
CA TYR A 226 4.00 -4.47 -5.22
C TYR A 226 4.52 -3.15 -5.78
N GLY A 227 5.80 -3.14 -6.13
CA GLY A 227 6.42 -1.96 -6.72
C GLY A 227 7.30 -2.33 -7.88
N ILE A 228 7.51 -1.38 -8.80
CA ILE A 228 8.46 -1.56 -9.88
C ILE A 228 9.86 -1.31 -9.34
N ALA A 229 10.75 -2.28 -9.54
CA ALA A 229 12.12 -2.15 -9.06
C ALA A 229 12.99 -1.47 -10.10
N VAL A 230 13.83 -0.54 -9.64
CA VAL A 230 14.79 0.14 -10.50
C VAL A 230 16.13 0.26 -9.76
N PRO A 231 17.24 0.46 -10.49
CA PRO A 231 18.53 0.63 -9.84
C PRO A 231 18.53 1.82 -8.88
N LEU A 232 19.30 1.72 -7.80
CA LEU A 232 19.36 2.78 -6.80
C LEU A 232 19.67 4.13 -7.43
N ASN A 233 18.86 5.13 -7.07
CA ASN A 233 19.04 6.50 -7.54
C ASN A 233 18.94 6.63 -9.06
N ALA A 234 18.07 5.83 -9.67
CA ALA A 234 17.79 5.96 -11.09
C ALA A 234 17.01 7.24 -11.34
N ASP A 235 17.34 7.93 -12.43
CA ASP A 235 16.76 9.24 -12.71
C ASP A 235 15.35 9.15 -13.30
N PHE A 236 14.91 7.93 -13.62
CA PHE A 236 13.59 7.71 -14.19
C PHE A 236 12.64 7.07 -13.18
N ARG A 237 13.03 7.08 -11.91
CA ARG A 237 12.20 6.53 -10.84
C ARG A 237 10.95 7.38 -10.64
N SER A 238 11.15 8.68 -10.46
CA SER A 238 10.05 9.62 -10.24
C SER A 238 9.12 9.64 -11.45
N ASN A 239 9.71 9.58 -12.64
CA ASN A 239 8.93 9.56 -13.87
C ASN A 239 8.00 8.36 -13.91
N LEU A 240 8.48 7.21 -13.47
CA LEU A 240 7.66 6.00 -13.39
C LEU A 240 6.59 6.12 -12.30
N SER A 241 6.97 6.71 -11.17
CA SER A 241 6.06 6.82 -10.03
C SER A 241 4.89 7.75 -10.33
N VAL A 242 5.16 8.88 -10.96
CA VAL A 242 4.12 9.83 -11.32
C VAL A 242 3.16 9.19 -12.31
N GLY A 243 3.70 8.37 -13.20
CA GLY A 243 2.89 7.64 -14.16
C GLY A 243 1.95 6.64 -13.51
N ILE A 244 2.47 5.87 -12.55
CA ILE A 244 1.68 4.90 -11.81
C ILE A 244 0.52 5.59 -11.09
N LEU A 245 0.81 6.73 -10.46
CA LEU A 245 -0.20 7.48 -9.73
C LEU A 245 -1.25 8.07 -10.67
N ARG A 246 -0.85 8.46 -11.88
CA ARG A 246 -1.80 8.95 -12.88
C ARG A 246 -2.81 7.86 -13.22
N LEU A 247 -2.30 6.69 -13.59
CA LEU A 247 -3.14 5.56 -13.95
C LEU A 247 -4.05 5.15 -12.79
N SER A 248 -3.52 5.25 -11.57
CA SER A 248 -4.29 4.92 -10.38
C SER A 248 -5.46 5.86 -10.20
N GLU A 249 -5.18 7.16 -10.23
CA GLU A 249 -6.19 8.18 -9.97
C GLU A 249 -7.24 8.24 -11.07
N ARG A 250 -6.85 7.87 -12.29
CA ARG A 250 -7.80 7.78 -13.40
C ARG A 250 -8.76 6.61 -13.23
N GLY A 251 -8.36 5.62 -12.45
CA GLY A 251 -9.14 4.41 -12.27
C GLY A 251 -8.71 3.28 -13.18
N GLU A 252 -7.59 3.47 -13.86
CA GLU A 252 -7.11 2.47 -14.83
C GLU A 252 -6.50 1.23 -14.17
N LEU A 253 -5.85 1.41 -13.02
CA LEU A 253 -5.28 0.26 -12.31
C LEU A 253 -6.38 -0.59 -11.71
N PHE A 254 -7.49 0.04 -11.33
CA PHE A 254 -8.66 -0.67 -10.87
C PHE A 254 -9.21 -1.58 -11.98
N LYS A 255 -9.37 -1.02 -13.17
CA LYS A 255 -9.81 -1.78 -14.33
C LYS A 255 -8.83 -2.90 -14.66
N LEU A 256 -7.54 -2.56 -14.66
CA LEU A 256 -6.49 -3.51 -15.01
C LEU A 256 -6.46 -4.69 -14.05
N ARG A 257 -6.68 -4.41 -12.76
CA ARG A 257 -6.71 -5.46 -11.76
C ARG A 257 -7.88 -6.39 -12.00
N ASN A 258 -9.05 -5.81 -12.28
CA ASN A 258 -10.24 -6.59 -12.54
C ASN A 258 -10.07 -7.47 -13.78
N LYS A 259 -9.46 -6.92 -14.82
CA LYS A 259 -9.25 -7.64 -16.07
C LYS A 259 -8.54 -8.98 -15.86
N TRP A 260 -7.54 -9.00 -15.00
CA TRP A 260 -6.69 -10.17 -14.84
C TRP A 260 -7.00 -11.02 -13.61
N PHE A 261 -7.80 -10.47 -12.68
CA PHE A 261 -8.07 -11.17 -11.41
C PHE A 261 -9.55 -11.48 -11.17
N ASN A 262 -10.44 -11.03 -12.04
CA ASN A 262 -11.87 -11.32 -11.85
C ASN A 262 -12.17 -12.79 -12.13
N SER A 263 -13.33 -13.25 -11.66
CA SER A 263 -13.75 -14.63 -11.86
C SER A 263 -14.05 -14.91 -13.32
N CYS A 268 -17.89 -20.90 -8.14
CA CYS A 268 -16.62 -21.20 -8.79
C CYS A 268 -16.81 -21.51 -10.27
N PRO B 8 26.30 14.12 13.71
CA PRO B 8 24.93 13.89 14.21
C PRO B 8 23.90 14.53 13.29
N ILE B 9 23.26 13.71 12.47
CA ILE B 9 22.33 14.21 11.47
C ILE B 9 21.06 14.71 12.14
N ARG B 10 20.53 15.82 11.64
CA ARG B 10 19.37 16.49 12.23
C ARG B 10 18.32 16.78 11.17
N TYR B 11 17.06 16.46 11.48
CA TYR B 11 15.96 16.64 10.55
C TYR B 11 14.81 17.43 11.17
N THR B 12 14.38 18.48 10.50
CA THR B 12 13.17 19.20 10.87
C THR B 12 11.97 18.47 10.29
N VAL B 13 11.05 18.07 11.17
CA VAL B 13 9.88 17.29 10.75
C VAL B 13 8.65 18.16 10.68
N ALA B 14 8.19 18.42 9.46
CA ALA B 14 6.95 19.16 9.24
C ALA B 14 5.77 18.23 9.44
N THR B 15 4.76 18.73 10.15
CA THR B 15 3.55 17.96 10.39
C THR B 15 2.36 18.90 10.57
N ARG B 16 1.21 18.32 10.90
CA ARG B 16 0.01 19.11 11.16
C ARG B 16 -0.71 18.54 12.38
N VAL B 17 -1.55 19.36 12.99
CA VAL B 17 -2.30 18.94 14.18
C VAL B 17 -3.57 18.22 13.75
N GLY B 18 -3.69 16.98 14.21
CA GLY B 18 -4.86 16.16 13.90
C GLY B 18 -4.68 14.79 14.49
N LYS B 19 -5.56 14.42 15.41
CA LYS B 19 -5.49 13.12 16.05
C LYS B 19 -5.89 12.01 15.08
N PRO B 20 -5.39 10.78 15.29
CA PRO B 20 -4.45 10.38 16.35
C PRO B 20 -2.98 10.48 15.94
N TYR B 21 -2.69 11.20 14.87
CA TYR B 21 -1.35 11.21 14.31
C TYR B 21 -0.41 12.18 15.03
N PHE B 22 -0.92 13.37 15.33
CA PHE B 22 -0.09 14.41 15.95
C PHE B 22 -0.97 15.44 16.65
N SER B 23 -0.66 15.70 17.92
CA SER B 23 -1.40 16.70 18.69
C SER B 23 -0.63 17.11 19.94
N TRP B 24 -1.05 18.23 20.53
CA TRP B 24 -0.42 18.76 21.74
C TRP B 24 -0.84 17.96 22.96
N ARG B 25 0.13 17.54 23.76
CA ARG B 25 -0.15 16.81 24.99
C ARG B 25 -0.73 17.73 26.06
N GLU B 26 -1.73 17.24 26.79
CA GLU B 26 -2.25 17.95 27.94
C GLU B 26 -1.28 17.83 29.11
N GLU B 27 -0.87 18.96 29.66
CA GLU B 27 0.11 19.01 30.74
C GLU B 27 -0.52 19.52 32.04
N PRO B 28 -0.24 18.84 33.17
CA PRO B 28 -0.69 19.37 34.47
C PRO B 28 0.09 20.61 34.90
N TYR B 33 5.93 20.78 29.17
CA TYR B 33 6.73 19.98 28.26
C TYR B 33 7.59 20.89 27.37
N GLU B 34 8.68 20.33 26.84
CA GLU B 34 9.61 21.07 26.00
C GLU B 34 10.13 20.23 24.85
N GLY B 35 10.11 20.81 23.65
CA GLY B 35 10.60 20.13 22.47
C GLY B 35 9.66 19.05 21.99
N ASN B 36 10.21 17.93 21.57
CA ASN B 36 9.44 16.84 20.99
C ASN B 36 8.48 16.19 21.98
N GLU B 37 8.74 16.35 23.27
CA GLU B 37 7.89 15.75 24.29
C GLU B 37 6.62 16.58 24.51
N ARG B 38 6.46 17.65 23.74
CA ARG B 38 5.25 18.46 23.78
C ARG B 38 4.09 17.80 23.04
N PHE B 39 4.42 16.83 22.19
CA PHE B 39 3.44 16.24 21.27
C PHE B 39 3.28 14.74 21.46
N GLU B 40 2.18 14.21 20.94
CA GLU B 40 1.92 12.77 20.98
C GLU B 40 1.11 12.35 19.76
N GLY B 41 1.14 11.06 19.44
CA GLY B 41 0.37 10.51 18.36
C GLY B 41 1.10 9.42 17.61
N TYR B 42 0.41 8.82 16.66
CA TYR B 42 0.97 7.79 15.81
C TYR B 42 2.25 8.27 15.12
N ALA B 43 2.17 9.46 14.54
CA ALA B 43 3.29 10.00 13.78
C ALA B 43 4.46 10.33 14.69
N VAL B 44 4.17 10.77 15.91
CA VAL B 44 5.21 11.06 16.88
C VAL B 44 5.98 9.78 17.21
N ASP B 45 5.25 8.71 17.52
CA ASP B 45 5.87 7.42 17.82
C ASP B 45 6.71 6.91 16.65
N LEU B 46 6.20 7.04 15.43
CA LEU B 46 6.89 6.48 14.27
C LEU B 46 8.21 7.20 14.00
N ILE B 47 8.24 8.52 14.19
CA ILE B 47 9.46 9.28 14.01
C ILE B 47 10.48 8.93 15.10
N TYR B 48 10.01 8.75 16.33
CA TYR B 48 10.86 8.27 17.42
C TYR B 48 11.46 6.91 17.07
N MET B 49 10.61 6.01 16.57
CA MET B 49 11.05 4.66 16.22
C MET B 49 12.05 4.68 15.07
N LEU B 50 11.79 5.53 14.08
CA LEU B 50 12.69 5.64 12.93
C LEU B 50 14.00 6.32 13.32
N ALA B 51 13.92 7.25 14.27
CA ALA B 51 15.11 7.96 14.75
C ALA B 51 16.14 6.98 15.31
N GLN B 52 15.67 6.03 16.11
CA GLN B 52 16.54 5.00 16.68
C GLN B 52 17.01 4.02 15.62
N GLU B 53 16.09 3.67 14.71
CA GLU B 53 16.40 2.69 13.67
C GLU B 53 17.37 3.26 12.64
N CYS B 54 17.21 4.54 12.32
CA CYS B 54 17.98 5.18 11.26
C CYS B 54 19.09 6.08 11.79
N LYS B 55 19.12 6.28 13.10
CA LYS B 55 20.14 7.11 13.75
C LYS B 55 20.10 8.55 13.24
N PHE B 56 19.14 9.32 13.75
CA PHE B 56 19.08 10.75 13.49
C PHE B 56 18.34 11.46 14.61
N ASP B 57 18.68 12.74 14.82
CA ASP B 57 17.93 13.59 15.72
C ASP B 57 16.87 14.34 14.92
N PHE B 58 15.87 14.87 15.61
CA PHE B 58 14.78 15.54 14.93
C PHE B 58 14.05 16.52 15.84
N ASN B 59 13.36 17.47 15.22
CA ASN B 59 12.47 18.37 15.95
C ASN B 59 11.20 18.63 15.13
N PHE B 60 10.06 18.62 15.81
CA PHE B 60 8.77 18.82 15.14
C PHE B 60 8.46 20.30 14.96
N GLU B 61 8.05 20.65 13.74
CA GLU B 61 7.57 21.99 13.44
C GLU B 61 6.23 21.93 12.74
N PRO B 62 5.13 21.88 13.51
CA PRO B 62 3.78 21.96 12.95
C PRO B 62 3.64 23.13 11.99
N VAL B 63 3.11 22.89 10.79
CA VAL B 63 2.97 23.94 9.79
C VAL B 63 1.92 24.97 10.21
N ARG B 64 2.18 26.23 9.88
CA ARG B 64 1.34 27.34 10.33
C ARG B 64 -0.11 27.21 9.87
N ASP B 65 -0.30 26.93 8.58
CA ASP B 65 -1.65 26.85 8.02
C ASP B 65 -2.35 25.54 8.40
N ASN B 66 -1.59 24.62 8.99
CA ASN B 66 -2.11 23.32 9.40
C ASN B 66 -2.76 22.53 8.27
N LYS B 67 -2.23 22.70 7.06
CA LYS B 67 -2.77 22.02 5.89
C LYS B 67 -1.89 20.86 5.45
N TYR B 68 -2.50 19.88 4.79
CA TYR B 68 -1.78 18.75 4.24
C TYR B 68 -0.85 19.21 3.12
N GLY B 69 -1.44 19.82 2.10
CA GLY B 69 -0.70 20.30 0.95
C GLY B 69 -1.43 20.04 -0.35
N SER B 70 -1.84 21.11 -1.02
CA SER B 70 -2.50 21.02 -2.31
C SER B 70 -2.05 22.17 -3.21
N TYR B 71 -2.21 21.99 -4.51
CA TYR B 71 -1.81 23.00 -5.49
C TYR B 71 -2.96 23.96 -5.78
N ASP B 72 -2.67 25.25 -5.69
CA ASP B 72 -3.64 26.29 -6.01
C ASP B 72 -3.34 26.85 -7.40
N ALA B 73 -4.16 26.45 -8.37
CA ALA B 73 -3.94 26.84 -9.76
C ALA B 73 -4.12 28.36 -9.94
N ASN B 74 -4.93 28.96 -9.08
CA ASN B 74 -5.17 30.40 -9.14
C ASN B 74 -3.90 31.19 -8.86
N THR B 75 -3.11 30.73 -7.89
CA THR B 75 -1.89 31.41 -7.47
C THR B 75 -0.62 30.67 -7.89
N ASP B 76 -0.79 29.45 -8.40
CA ASP B 76 0.32 28.62 -8.86
C ASP B 76 1.34 28.40 -7.72
N GLU B 77 0.86 27.89 -6.60
CA GLU B 77 1.75 27.55 -5.49
C GLU B 77 1.10 26.56 -4.52
N TRP B 78 1.95 25.83 -3.80
CA TRP B 78 1.49 24.85 -2.83
C TRP B 78 1.36 25.44 -1.44
N ASP B 79 0.73 24.70 -0.54
CA ASP B 79 0.61 25.09 0.86
C ASP B 79 0.88 23.90 1.77
N GLY B 80 0.66 24.06 3.07
CA GLY B 80 0.76 22.98 4.01
C GLY B 80 2.13 22.34 4.11
N ILE B 81 2.15 21.06 4.47
CA ILE B 81 3.39 20.32 4.67
C ILE B 81 4.21 20.25 3.38
N ILE B 82 3.53 20.04 2.26
CA ILE B 82 4.21 19.90 0.97
C ILE B 82 4.98 21.17 0.63
N ARG B 83 4.41 22.33 0.93
CA ARG B 83 5.07 23.61 0.64
C ARG B 83 6.37 23.75 1.42
N GLN B 84 6.38 23.29 2.67
CA GLN B 84 7.57 23.40 3.51
C GLN B 84 8.71 22.56 2.97
N LEU B 85 8.39 21.45 2.32
CA LEU B 85 9.41 20.57 1.76
C LEU B 85 9.92 21.09 0.42
N ILE B 86 9.03 21.67 -0.38
CA ILE B 86 9.42 22.28 -1.64
C ILE B 86 10.43 23.40 -1.37
N ASP B 87 10.13 24.22 -0.37
CA ASP B 87 11.01 25.33 0.00
C ASP B 87 12.18 24.86 0.88
N ASN B 88 12.24 23.55 1.13
CA ASN B 88 13.32 22.96 1.93
C ASN B 88 13.44 23.57 3.32
N ASN B 89 12.32 24.08 3.85
CA ASN B 89 12.26 24.53 5.23
C ASN B 89 12.08 23.35 6.18
N ALA B 90 11.88 22.16 5.61
CA ALA B 90 11.77 20.94 6.38
C ALA B 90 12.33 19.78 5.57
N GLN B 91 12.85 18.77 6.26
CA GLN B 91 13.48 17.63 5.60
C GLN B 91 12.50 16.45 5.53
N ILE B 92 11.56 16.41 6.47
CA ILE B 92 10.62 15.31 6.58
C ILE B 92 9.20 15.84 6.80
N GLY B 93 8.26 15.31 6.03
CA GLY B 93 6.85 15.63 6.18
C GLY B 93 6.07 14.38 6.53
N ILE B 94 5.29 14.43 7.61
CA ILE B 94 4.55 13.24 8.04
C ILE B 94 3.25 13.55 8.78
N CYS B 95 2.25 12.73 8.47
CA CYS B 95 0.96 12.67 9.16
C CYS B 95 0.18 11.61 8.42
N ASP B 96 -1.14 11.74 8.32
CA ASP B 96 -1.90 10.95 7.37
C ASP B 96 -1.71 11.58 5.99
N LEU B 97 -0.50 11.48 5.48
CA LEU B 97 -0.11 12.16 4.25
C LEU B 97 -0.18 11.20 3.08
N THR B 98 -1.21 11.37 2.27
CA THR B 98 -1.50 10.45 1.17
C THR B 98 -0.68 10.77 -0.06
N ILE B 99 -0.13 9.73 -0.69
CA ILE B 99 0.64 9.89 -1.92
C ILE B 99 -0.29 10.15 -3.10
N THR B 100 -0.11 11.30 -3.74
CA THR B 100 -0.89 11.66 -4.93
C THR B 100 0.05 12.02 -6.07
N GLN B 101 -0.48 11.96 -7.29
CA GLN B 101 0.28 12.29 -8.49
C GLN B 101 0.89 13.68 -8.39
N ALA B 102 0.08 14.66 -8.02
CA ALA B 102 0.52 16.04 -7.96
C ALA B 102 1.63 16.23 -6.93
N ARG B 103 1.47 15.61 -5.77
CA ARG B 103 2.45 15.74 -4.70
C ARG B 103 3.77 15.08 -5.07
N ARG B 104 3.70 13.88 -5.63
CA ARG B 104 4.90 13.15 -6.00
C ARG B 104 5.69 13.87 -7.09
N SER B 105 5.04 14.82 -7.78
CA SER B 105 5.69 15.58 -8.84
C SER B 105 6.58 16.70 -8.27
N VAL B 106 6.30 17.11 -7.04
CA VAL B 106 7.02 18.23 -6.42
C VAL B 106 7.88 17.80 -5.22
N VAL B 107 7.51 16.68 -4.59
CA VAL B 107 8.31 16.12 -3.51
C VAL B 107 8.45 14.61 -3.67
N ASP B 108 9.45 14.04 -3.02
CA ASP B 108 9.65 12.59 -3.04
C ASP B 108 8.87 11.96 -1.90
N PHE B 109 8.73 10.63 -1.95
CA PHE B 109 8.09 9.88 -0.89
C PHE B 109 8.88 8.63 -0.56
N THR B 110 8.88 8.25 0.72
CA THR B 110 9.41 6.97 1.13
C THR B 110 8.45 5.87 0.69
N VAL B 111 8.81 4.63 0.99
CA VAL B 111 7.85 3.54 0.88
C VAL B 111 6.71 3.83 1.85
N PRO B 112 5.49 3.39 1.52
CA PRO B 112 4.39 3.68 2.45
C PRO B 112 4.56 2.99 3.80
N PHE B 113 4.08 3.63 4.86
CA PHE B 113 4.05 3.01 6.19
C PHE B 113 2.64 2.56 6.55
N MET B 114 1.67 2.86 5.70
CA MET B 114 0.29 2.47 5.93
C MET B 114 -0.51 2.42 4.63
N GLN B 115 -1.34 1.39 4.49
CA GLN B 115 -2.25 1.30 3.37
C GLN B 115 -3.68 1.44 3.86
N LEU B 116 -4.53 2.00 3.01
CA LEU B 116 -5.88 2.36 3.39
C LEU B 116 -6.79 2.46 2.17
N GLY B 117 -8.04 2.83 2.40
CA GLY B 117 -8.98 3.09 1.34
C GLY B 117 -9.82 4.31 1.68
N ILE B 118 -10.92 4.46 0.94
CA ILE B 118 -11.87 5.55 1.16
C ILE B 118 -13.22 4.94 1.45
N SER B 119 -14.01 5.61 2.29
CA SER B 119 -15.36 5.14 2.58
C SER B 119 -16.24 6.30 3.02
N ILE B 120 -17.46 5.98 3.41
CA ILE B 120 -18.49 6.98 3.69
C ILE B 120 -18.85 7.02 5.17
N LEU B 121 -18.68 8.18 5.79
CA LEU B 121 -19.11 8.38 7.18
C LEU B 121 -20.49 9.02 7.17
N SER B 122 -21.41 8.44 7.92
CA SER B 122 -22.80 8.86 7.88
C SER B 122 -23.45 8.84 9.26
N TYR B 123 -24.52 9.62 9.40
CA TYR B 123 -25.36 9.54 10.56
C TYR B 123 -26.15 8.24 10.48
N LYS B 124 -26.32 7.57 11.62
CA LYS B 124 -27.07 6.32 11.66
C LYS B 124 -28.54 6.52 11.32
N GLY B 125 -29.18 5.48 10.81
CA GLY B 125 -30.60 5.51 10.47
C GLY B 125 -30.85 5.73 9.00
N THR B 126 -29.78 5.92 8.23
CA THR B 126 -29.89 6.13 6.79
C THR B 126 -30.24 4.84 6.06
N ASP B 127 -30.90 4.97 4.91
CA ASP B 127 -31.24 3.83 4.07
C ASP B 127 -30.15 3.57 3.03
N ILE B 128 -29.14 4.43 3.01
CA ILE B 128 -27.98 4.26 2.14
C ILE B 128 -26.95 3.43 2.92
N GLY B 129 -26.34 2.39 2.33
CA GLY B 129 -26.50 1.98 0.95
C GLY B 129 -25.15 1.65 0.37
N SER B 130 -24.69 2.52 -0.53
CA SER B 130 -23.41 2.38 -1.20
C SER B 130 -23.00 3.73 -1.75
N LEU B 131 -21.83 3.80 -2.36
CA LEU B 131 -21.42 5.02 -3.04
C LEU B 131 -22.37 5.30 -4.21
N HIS B 132 -22.70 4.27 -4.97
CA HIS B 132 -23.60 4.44 -6.12
C HIS B 132 -24.96 4.97 -5.68
N ASP B 133 -25.48 4.45 -4.57
CA ASP B 133 -26.75 4.91 -4.03
C ASP B 133 -26.63 6.36 -3.56
N LEU B 134 -25.47 6.71 -3.02
CA LEU B 134 -25.23 8.05 -2.50
C LEU B 134 -25.18 9.10 -3.61
N VAL B 135 -24.50 8.77 -4.70
CA VAL B 135 -24.33 9.72 -5.80
C VAL B 135 -25.60 9.82 -6.65
N ASP B 136 -26.48 8.84 -6.53
CA ASP B 136 -27.71 8.79 -7.32
C ASP B 136 -28.88 9.43 -6.57
N GLN B 137 -28.57 10.36 -5.67
CA GLN B 137 -29.58 11.08 -4.90
C GLN B 137 -29.06 12.43 -4.47
N ASN B 138 -29.95 13.29 -3.96
CA ASN B 138 -29.56 14.63 -3.53
C ASN B 138 -30.18 15.03 -2.19
N LYS B 139 -30.95 14.12 -1.59
CA LYS B 139 -31.56 14.39 -0.30
C LYS B 139 -30.50 14.46 0.79
N VAL B 140 -29.45 13.65 0.63
CA VAL B 140 -28.29 13.68 1.51
C VAL B 140 -27.09 14.23 0.77
N GLN B 141 -26.59 15.38 1.20
CA GLN B 141 -25.40 15.98 0.59
C GLN B 141 -24.15 15.29 1.10
N PHE B 142 -23.02 15.55 0.46
CA PHE B 142 -21.77 14.93 0.84
C PHE B 142 -20.58 15.66 0.24
N GLY B 143 -19.41 15.48 0.85
CA GLY B 143 -18.20 16.13 0.38
C GLY B 143 -16.95 15.59 1.05
N THR B 144 -15.83 16.26 0.80
CA THR B 144 -14.53 15.84 1.29
C THR B 144 -13.75 17.02 1.89
N ILE B 145 -12.55 16.74 2.35
CA ILE B 145 -11.63 17.80 2.75
C ILE B 145 -11.16 18.54 1.50
N ARG B 146 -11.30 19.87 1.53
CA ARG B 146 -10.90 20.69 0.39
C ARG B 146 -9.41 20.56 0.11
N GLY B 147 -9.08 20.14 -1.11
CA GLY B 147 -7.70 19.98 -1.51
C GLY B 147 -7.07 18.69 -1.00
N GLY B 148 -7.83 17.92 -0.23
CA GLY B 148 -7.33 16.67 0.32
C GLY B 148 -7.22 15.59 -0.73
N ALA B 149 -6.60 14.47 -0.37
CA ALA B 149 -6.36 13.39 -1.32
C ALA B 149 -7.65 12.67 -1.70
N THR B 150 -8.66 12.73 -0.84
CA THR B 150 -9.93 12.08 -1.13
C THR B 150 -10.66 12.83 -2.24
N SER B 151 -10.47 14.15 -2.30
CA SER B 151 -11.03 14.95 -3.38
C SER B 151 -10.34 14.60 -4.70
N VAL B 152 -9.05 14.26 -4.62
CA VAL B 152 -8.29 13.88 -5.80
C VAL B 152 -8.82 12.57 -6.38
N TYR B 153 -9.25 11.66 -5.51
CA TYR B 153 -9.78 10.38 -5.94
C TYR B 153 -10.96 10.57 -6.89
N PHE B 154 -11.82 11.54 -6.57
CA PHE B 154 -13.03 11.77 -7.35
C PHE B 154 -12.78 12.70 -8.54
N SER B 155 -11.97 13.74 -8.34
CA SER B 155 -11.75 14.74 -9.38
C SER B 155 -10.90 14.21 -10.53
N GLU B 156 -10.02 13.26 -10.24
CA GLU B 156 -9.11 12.72 -11.26
C GLU B 156 -9.65 11.45 -11.91
N SER B 157 -10.75 10.92 -11.37
CA SER B 157 -11.31 9.67 -11.87
C SER B 157 -12.02 9.86 -13.21
N ASN B 158 -11.99 8.83 -14.04
CA ASN B 158 -12.76 8.81 -15.28
C ASN B 158 -14.01 7.94 -15.11
N ASP B 159 -14.11 7.27 -13.98
CA ASP B 159 -15.29 6.47 -13.66
C ASP B 159 -16.53 7.35 -13.63
N THR B 160 -17.58 6.93 -14.32
CA THR B 160 -18.80 7.71 -14.45
C THR B 160 -19.43 8.04 -13.09
N ASP B 161 -19.48 7.05 -12.20
CA ASP B 161 -20.05 7.25 -10.88
C ASP B 161 -19.23 8.24 -10.06
N ASN B 162 -17.91 8.17 -10.17
CA ASN B 162 -17.03 9.09 -9.46
C ASN B 162 -17.11 10.50 -10.05
N ARG B 163 -17.30 10.59 -11.36
CA ARG B 163 -17.54 11.87 -12.01
C ARG B 163 -18.82 12.51 -11.51
N MET B 164 -19.86 11.70 -11.35
CA MET B 164 -21.14 12.16 -10.83
C MET B 164 -20.96 12.71 -9.42
N ALA B 165 -20.21 11.98 -8.61
CA ALA B 165 -19.95 12.38 -7.22
C ALA B 165 -19.29 13.74 -7.18
N TRP B 166 -18.22 13.90 -7.97
CA TRP B 166 -17.45 15.12 -8.00
C TRP B 166 -18.28 16.31 -8.43
N ASN B 167 -19.03 16.14 -9.52
CA ASN B 167 -19.86 17.24 -10.04
C ASN B 167 -21.00 17.59 -9.09
N LYS B 168 -21.51 16.60 -8.36
CA LYS B 168 -22.52 16.87 -7.35
C LYS B 168 -21.93 17.63 -6.17
N MET B 169 -20.73 17.22 -5.75
CA MET B 169 -20.03 17.91 -4.66
C MET B 169 -19.79 19.38 -5.00
N LEU B 170 -19.40 19.62 -6.25
CA LEU B 170 -19.13 20.98 -6.71
C LEU B 170 -20.41 21.81 -6.81
N SER B 171 -21.54 21.14 -6.97
CA SER B 171 -22.81 21.82 -7.22
C SER B 171 -23.56 22.12 -5.93
N PHE B 172 -23.30 21.34 -4.89
CA PHE B 172 -24.02 21.47 -3.62
C PHE B 172 -23.90 22.87 -3.02
N LYS B 173 -24.99 23.31 -2.42
CA LYS B 173 -25.02 24.54 -1.64
C LYS B 173 -25.60 24.23 -0.27
N PRO B 174 -24.94 24.66 0.82
CA PRO B 174 -23.69 25.44 0.87
C PRO B 174 -22.47 24.60 0.48
N ASP B 175 -21.28 25.20 0.65
CA ASP B 175 -20.03 24.53 0.34
C ASP B 175 -19.96 23.14 0.98
N ALA B 176 -19.82 22.12 0.14
CA ALA B 176 -19.85 20.74 0.60
C ALA B 176 -18.50 20.27 1.14
N PHE B 177 -17.45 21.05 0.87
CA PHE B 177 -16.11 20.70 1.32
C PHE B 177 -15.85 21.23 2.73
N THR B 178 -14.88 20.63 3.42
CA THR B 178 -14.56 21.00 4.79
C THR B 178 -13.06 21.25 4.98
N LYS B 179 -12.71 21.77 6.14
CA LYS B 179 -11.34 22.19 6.43
C LYS B 179 -10.45 21.00 6.76
N ASN B 180 -11.00 20.03 7.48
CA ASN B 180 -10.22 18.88 7.92
C ASN B 180 -11.14 17.74 8.38
N ASN B 181 -10.55 16.67 8.89
CA ASN B 181 -11.32 15.53 9.37
C ASN B 181 -12.24 15.91 10.53
N GLU B 182 -11.75 16.76 11.43
CA GLU B 182 -12.53 17.18 12.59
C GLU B 182 -13.82 17.90 12.20
N GLU B 183 -13.71 18.87 11.29
CA GLU B 183 -14.88 19.61 10.84
C GLU B 183 -15.82 18.72 10.04
N GLY B 184 -15.24 17.80 9.26
CA GLY B 184 -16.03 16.87 8.49
C GLY B 184 -16.91 16.00 9.37
N VAL B 185 -16.30 15.36 10.36
CA VAL B 185 -17.01 14.49 11.29
C VAL B 185 -18.06 15.28 12.07
N ASP B 186 -17.69 16.49 12.51
CA ASP B 186 -18.62 17.35 13.21
C ASP B 186 -19.81 17.70 12.32
N ARG B 187 -19.55 17.97 11.05
CA ARG B 187 -20.62 18.34 10.13
C ARG B 187 -21.63 17.22 9.97
N VAL B 188 -21.16 15.97 10.00
CA VAL B 188 -22.05 14.83 9.92
C VAL B 188 -22.94 14.77 11.16
N LYS B 189 -22.34 15.00 12.32
CA LYS B 189 -23.07 14.97 13.58
C LYS B 189 -24.10 16.11 13.65
N LEU B 190 -23.67 17.31 13.27
CA LEU B 190 -24.53 18.49 13.32
C LEU B 190 -25.63 18.45 12.26
N SER B 191 -25.37 17.77 11.14
CA SER B 191 -26.31 17.75 10.03
C SER B 191 -27.40 16.69 10.23
N LYS B 192 -27.13 15.74 11.12
CA LYS B 192 -28.15 14.79 11.56
C LYS B 192 -28.84 14.06 10.42
N GLY B 193 -28.04 13.53 9.48
CA GLY B 193 -28.56 12.69 8.41
C GLY B 193 -28.61 13.33 7.04
N THR B 194 -28.41 14.65 6.98
CA THR B 194 -28.47 15.37 5.71
C THR B 194 -27.08 15.61 5.13
N TYR B 195 -26.06 15.03 5.75
CA TYR B 195 -24.70 15.14 5.26
C TYR B 195 -23.92 13.85 5.54
N ALA B 196 -23.19 13.38 4.54
CA ALA B 196 -22.30 12.24 4.68
C ALA B 196 -20.89 12.65 4.28
N PHE B 197 -19.90 12.22 5.06
CA PHE B 197 -18.53 12.66 4.86
C PHE B 197 -17.72 11.55 4.19
N LEU B 198 -17.17 11.87 3.02
CA LEU B 198 -16.30 10.95 2.30
C LEU B 198 -14.87 11.11 2.81
N MET B 199 -14.31 10.03 3.36
CA MET B 199 -13.02 10.12 4.04
C MET B 199 -12.25 8.81 3.97
N GLU B 200 -11.01 8.86 4.44
CA GLU B 200 -10.14 7.70 4.43
C GLU B 200 -10.49 6.74 5.57
N THR B 201 -10.36 5.44 5.28
CA THR B 201 -10.83 4.40 6.19
C THR B 201 -10.12 4.41 7.55
N THR B 202 -8.88 4.87 7.56
CA THR B 202 -8.13 5.00 8.81
C THR B 202 -8.79 6.00 9.73
N ASN B 203 -9.02 7.20 9.21
CA ASN B 203 -9.63 8.28 9.98
C ASN B 203 -11.08 7.97 10.32
N LEU B 204 -11.76 7.28 9.41
CA LEU B 204 -13.14 6.90 9.64
C LEU B 204 -13.24 5.95 10.82
N GLN B 205 -12.38 4.95 10.86
CA GLN B 205 -12.35 3.99 11.95
C GLN B 205 -12.11 4.69 13.29
N TYR B 206 -11.18 5.65 13.28
CA TYR B 206 -10.84 6.38 14.50
C TYR B 206 -12.04 7.15 15.06
N TYR B 207 -12.76 7.84 14.17
CA TYR B 207 -13.85 8.71 14.61
C TYR B 207 -15.17 7.97 14.81
N VAL B 208 -15.39 6.89 14.06
CA VAL B 208 -16.64 6.15 14.18
C VAL B 208 -16.69 5.42 15.53
N GLN B 209 -15.52 5.04 16.04
CA GLN B 209 -15.42 4.36 17.32
C GLN B 209 -15.66 5.30 18.51
N ARG B 210 -15.58 6.60 18.25
CA ARG B 210 -15.68 7.61 19.31
C ARG B 210 -16.97 8.43 19.23
N ASN B 211 -17.78 8.15 18.20
CA ASN B 211 -19.06 8.83 18.01
C ASN B 211 -20.13 7.81 17.63
N CYS B 212 -20.89 7.39 18.64
CA CYS B 212 -21.81 6.26 18.49
C CYS B 212 -23.04 6.59 17.65
N GLU B 213 -23.20 7.85 17.27
CA GLU B 213 -24.31 8.25 16.38
C GLU B 213 -23.88 8.19 14.92
N LEU B 214 -22.69 7.66 14.65
CA LEU B 214 -22.15 7.59 13.31
C LEU B 214 -21.87 6.14 12.90
N THR B 215 -21.86 5.89 11.59
CA THR B 215 -21.57 4.57 11.07
C THR B 215 -21.02 4.67 9.65
N GLN B 216 -20.43 3.57 9.18
CA GLN B 216 -19.88 3.51 7.82
C GLN B 216 -20.92 2.97 6.84
N ILE B 217 -21.02 3.62 5.68
CA ILE B 217 -21.89 3.14 4.61
C ILE B 217 -21.08 2.35 3.58
N GLY B 218 -21.51 1.13 3.31
CA GLY B 218 -20.90 0.31 2.28
C GLY B 218 -19.49 -0.12 2.60
N GLU B 219 -18.78 -0.61 1.59
CA GLU B 219 -17.43 -1.13 1.76
C GLU B 219 -16.40 -0.06 1.44
N SER B 220 -15.15 -0.34 1.80
CA SER B 220 -14.02 0.51 1.41
C SER B 220 -13.78 0.39 -0.09
N PHE B 221 -13.38 1.50 -0.71
CA PHE B 221 -12.98 1.49 -2.11
C PHE B 221 -11.71 2.30 -2.30
N GLY B 222 -10.99 2.01 -3.39
CA GLY B 222 -9.74 2.68 -3.68
C GLY B 222 -8.57 2.07 -2.93
N GLU B 223 -7.36 2.30 -3.44
CA GLU B 223 -6.14 1.83 -2.80
C GLU B 223 -5.19 3.01 -2.58
N LYS B 224 -5.16 3.51 -1.35
CA LYS B 224 -4.35 4.67 -1.02
C LYS B 224 -3.25 4.32 -0.01
N HIS B 225 -2.22 5.15 0.03
CA HIS B 225 -1.05 4.91 0.86
C HIS B 225 -0.61 6.16 1.61
N TYR B 226 -0.27 6.00 2.89
CA TYR B 226 0.42 7.05 3.64
C TYR B 226 1.92 6.84 3.47
N GLY B 227 2.63 7.92 3.17
CA GLY B 227 4.07 7.88 3.03
C GLY B 227 4.71 9.08 3.67
N ILE B 228 5.99 8.96 4.02
CA ILE B 228 6.74 10.10 4.52
C ILE B 228 7.30 10.89 3.35
N ALA B 229 6.98 12.18 3.30
CA ALA B 229 7.43 13.03 2.22
C ALA B 229 8.82 13.59 2.52
N VAL B 230 9.66 13.66 1.49
CA VAL B 230 10.97 14.28 1.60
C VAL B 230 11.26 15.07 0.32
N PRO B 231 12.15 16.07 0.40
CA PRO B 231 12.59 16.80 -0.80
C PRO B 231 12.99 15.86 -1.93
N LEU B 232 12.76 16.27 -3.18
CA LEU B 232 13.06 15.42 -4.33
C LEU B 232 14.51 14.96 -4.34
N ASN B 233 14.68 13.65 -4.52
CA ASN B 233 16.00 13.03 -4.55
C ASN B 233 16.83 13.37 -3.30
N ALA B 234 16.18 13.39 -2.15
CA ALA B 234 16.89 13.55 -0.88
C ALA B 234 17.78 12.34 -0.65
N ASP B 235 18.95 12.57 -0.05
CA ASP B 235 19.95 11.52 0.13
C ASP B 235 19.55 10.51 1.21
N PHE B 236 18.58 10.87 2.05
CA PHE B 236 18.20 10.04 3.19
C PHE B 236 16.85 9.35 2.97
N ARG B 237 16.33 9.42 1.75
CA ARG B 237 15.06 8.78 1.42
C ARG B 237 15.14 7.27 1.59
N SER B 238 16.19 6.67 1.01
CA SER B 238 16.36 5.22 1.08
C SER B 238 16.58 4.75 2.51
N ASN B 239 17.26 5.59 3.30
CA ASN B 239 17.54 5.27 4.68
C ASN B 239 16.25 5.18 5.51
N LEU B 240 15.33 6.10 5.25
CA LEU B 240 14.03 6.09 5.93
C LEU B 240 13.17 4.92 5.44
N SER B 241 13.25 4.63 4.14
CA SER B 241 12.45 3.55 3.56
C SER B 241 12.84 2.19 4.14
N VAL B 242 14.15 1.96 4.27
CA VAL B 242 14.65 0.73 4.85
C VAL B 242 14.23 0.63 6.32
N GLY B 243 14.23 1.77 7.01
CA GLY B 243 13.78 1.83 8.39
C GLY B 243 12.31 1.46 8.55
N ILE B 244 11.47 2.00 7.68
CA ILE B 244 10.04 1.69 7.71
C ILE B 244 9.78 0.21 7.47
N LEU B 245 10.51 -0.37 6.51
CA LEU B 245 10.33 -1.78 6.17
C LEU B 245 10.83 -2.71 7.28
N ARG B 246 11.86 -2.26 8.00
CA ARG B 246 12.35 -3.03 9.15
C ARG B 246 11.29 -3.10 10.24
N LEU B 247 10.71 -1.95 10.56
CA LEU B 247 9.64 -1.87 11.56
C LEU B 247 8.42 -2.69 11.13
N SER B 248 8.11 -2.64 9.84
CA SER B 248 6.97 -3.39 9.31
C SER B 248 7.16 -4.89 9.49
N GLU B 249 8.31 -5.38 9.07
CA GLU B 249 8.59 -6.81 9.07
C GLU B 249 8.78 -7.39 10.48
N ARG B 250 9.18 -6.54 11.43
CA ARG B 250 9.27 -6.96 12.82
C ARG B 250 7.88 -7.09 13.47
N GLY B 251 6.89 -6.44 12.86
CA GLY B 251 5.53 -6.43 13.40
C GLY B 251 5.26 -5.21 14.25
N GLU B 252 6.17 -4.23 14.21
CA GLU B 252 6.06 -3.05 15.05
C GLU B 252 5.03 -2.04 14.53
N LEU B 253 4.85 -1.97 13.22
CA LEU B 253 3.87 -1.05 12.65
C LEU B 253 2.46 -1.58 12.92
N PHE B 254 2.33 -2.90 12.92
CA PHE B 254 1.07 -3.54 13.28
C PHE B 254 0.65 -3.15 14.69
N LYS B 255 1.57 -3.28 15.63
CA LYS B 255 1.30 -2.94 17.02
C LYS B 255 1.02 -1.45 17.17
N LEU B 256 1.78 -0.63 16.44
CA LEU B 256 1.63 0.81 16.51
C LEU B 256 0.26 1.27 15.99
N ARG B 257 -0.18 0.69 14.89
CA ARG B 257 -1.50 1.03 14.35
C ARG B 257 -2.58 0.65 15.37
N ASN B 258 -2.44 -0.54 15.95
CA ASN B 258 -3.40 -1.01 16.94
C ASN B 258 -3.46 -0.08 18.15
N LYS B 259 -2.30 0.38 18.61
CA LYS B 259 -2.22 1.26 19.77
C LYS B 259 -3.12 2.48 19.63
N TRP B 260 -3.10 3.10 18.45
CA TRP B 260 -3.78 4.37 18.24
C TRP B 260 -5.15 4.25 17.56
N PHE B 261 -5.45 3.08 17.01
CA PHE B 261 -6.71 2.89 16.28
C PHE B 261 -7.61 1.78 16.84
N ASN B 262 -7.22 1.17 17.95
CA ASN B 262 -8.04 0.12 18.56
C ASN B 262 -9.37 0.68 19.07
N SER B 263 -10.33 -0.21 19.29
CA SER B 263 -11.65 0.18 19.78
C SER B 263 -11.58 0.69 21.22
N CYS B 268 -20.31 -0.11 20.00
CA CYS B 268 -19.61 1.16 20.19
C CYS B 268 -18.88 1.17 21.52
N ASP B 269 -18.19 2.26 21.82
CA ASP B 269 -17.43 2.41 23.06
C ASP B 269 -16.40 1.31 23.22
N GLU C . 5.63 -11.38 -4.29
CA GLU C . 6.55 -12.23 -3.50
C GLU C . 7.99 -11.72 -3.64
O GLU C . 8.22 -10.66 -4.20
CB GLU C . 6.45 -13.69 -3.95
CG GLU C . 5.17 -14.40 -3.53
CD GLU C . 5.21 -14.90 -2.09
OE1 GLU C . 4.14 -15.33 -1.60
OE2 GLU C . 6.29 -14.87 -1.46
OXT GLU C . 8.94 -12.36 -3.19
H1 GLU C . 4.79 -11.69 -4.20
H2 GLU C . 5.67 -10.54 -3.98
H3 GLU C . 5.86 -11.40 -5.15
HA GLU C . 6.31 -12.19 -2.56
HB2 GLU C . 6.50 -13.71 -4.92
HB3 GLU C . 7.20 -14.18 -3.59
HG2 GLU C . 4.43 -13.77 -3.61
HG3 GLU C . 5.03 -15.15 -4.11
N GLU D . -4.73 11.97 3.89
CA GLU D . -5.34 12.99 3.04
C GLU D . -4.27 13.87 2.39
O GLU D . -4.58 14.89 1.77
CB GLU D . -6.31 13.86 3.85
CG GLU D . -7.58 13.14 4.28
CD GLU D . -8.63 13.05 3.18
OE1 GLU D . -8.46 13.69 2.12
OE2 GLU D . -9.63 12.33 3.38
OXT GLU D . -3.08 13.57 2.48
HA GLU D . -5.84 12.56 2.32
HB2 GLU D . -5.85 14.16 4.64
HB3 GLU D . -6.56 14.61 3.30
HG2 GLU D . -7.34 12.23 4.54
HG3 GLU D . -7.97 13.62 5.03
#